data_4NAU
#
_entry.id   4NAU
#
_cell.length_a   77.095
_cell.length_b   127.782
_cell.length_c   127.123
_cell.angle_alpha   90.00
_cell.angle_beta   90.00
_cell.angle_gamma   90.00
#
_symmetry.space_group_name_H-M   'C 2 2 21'
#
loop_
_entity.id
_entity.type
_entity.pdbx_description
1 polymer 'Phosphopantetheine adenylyltransferase'
2 non-polymer 'PHOSPHOTHIOPHOSPHORIC ACID-ADENYLATE ESTER'
3 non-polymer 2-[2-[(1S,2S)-2-[(3,4-dichlorophenyl)methylcarbamoyl]cyclohexyl]-6-ethyl-pyrimidin-4-yl]-4-oxidanyl-6-oxidanylidene-1H-pyrimidine-5-carboxamide
4 water water
#
_entity_poly.entity_id   1
_entity_poly.type   'polypeptide(L)'
_entity_poly.pdbx_seq_one_letter_code
;MEHTIAVIPGSFDPITYGHLDIIERSTDRFDEIHVCVLKNSKKEGTFSLEERMDLIEQSVKHLPNVKVHQFSGLLVDYCE
QVGAKTIIRGLRAVSDFEYELRLTSMNKKLNNEIETLYMMSSTNYSFISSSIVKEVAAYRADISEFVPPYVEKALKKKFK
;
_entity_poly.pdbx_strand_id   A,B,C
#
# COMPACT_ATOMS: atom_id res chain seq x y z
N GLU A 2 17.48 34.22 8.64
CA GLU A 2 16.94 33.00 9.31
C GLU A 2 15.78 33.35 10.25
N HIS A 3 15.18 34.53 10.04
CA HIS A 3 13.80 34.84 10.47
C HIS A 3 12.75 33.77 10.03
N THR A 4 12.66 33.42 8.75
CA THR A 4 11.85 32.24 8.39
C THR A 4 12.71 31.05 8.02
N ILE A 5 12.29 29.88 8.50
CA ILE A 5 12.93 28.61 8.30
C ILE A 5 11.83 27.65 7.86
N ALA A 6 12.08 26.86 6.83
CA ALA A 6 11.15 25.84 6.39
C ALA A 6 11.87 24.52 6.39
N VAL A 7 11.18 23.47 6.80
CA VAL A 7 11.75 22.12 6.88
C VAL A 7 11.14 21.20 5.83
N ILE A 8 12.02 20.48 5.13
CA ILE A 8 11.65 19.53 4.07
C ILE A 8 12.14 18.14 4.49
N PRO A 9 11.24 17.34 5.08
CA PRO A 9 11.53 16.01 5.61
C PRO A 9 11.45 14.94 4.59
N GLY A 10 12.12 13.84 4.89
CA GLY A 10 12.12 12.68 4.03
C GLY A 10 13.09 11.62 4.51
N SER A 11 12.96 10.41 3.95
CA SER A 11 13.97 9.40 4.11
C SER A 11 15.12 9.63 3.09
N PHE A 12 14.79 10.10 1.88
CA PHE A 12 15.79 10.47 0.85
C PHE A 12 16.77 9.30 0.63
N ASP A 13 16.22 8.17 0.23
CA ASP A 13 16.97 6.96 0.15
C ASP A 13 16.96 6.42 -1.26
N PRO A 14 17.66 7.09 -2.16
CA PRO A 14 18.41 8.33 -2.05
C PRO A 14 17.64 9.54 -2.54
N ILE A 15 18.16 10.75 -2.29
CA ILE A 15 17.60 11.96 -2.86
C ILE A 15 17.51 11.82 -4.39
N THR A 16 16.45 12.38 -4.96
CA THR A 16 16.22 12.41 -6.43
C THR A 16 15.97 13.86 -6.96
N TYR A 17 15.82 13.97 -8.26
CA TYR A 17 15.56 15.23 -8.92
C TYR A 17 14.14 15.67 -8.62
N GLY A 18 13.25 14.73 -8.27
CA GLY A 18 11.92 15.06 -7.73
C GLY A 18 12.02 15.82 -6.40
N HIS A 19 12.71 15.24 -5.43
CA HIS A 19 13.01 15.97 -4.19
C HIS A 19 13.68 17.36 -4.46
N LEU A 20 14.73 17.32 -5.25
CA LEU A 20 15.50 18.49 -5.52
C LEU A 20 14.63 19.68 -6.01
N ASP A 21 13.67 19.37 -6.89
CA ASP A 21 12.78 20.35 -7.54
C ASP A 21 12.05 21.10 -6.48
N ILE A 22 11.51 20.30 -5.55
CA ILE A 22 10.73 20.86 -4.46
C ILE A 22 11.63 21.72 -3.57
N ILE A 23 12.88 21.33 -3.40
CA ILE A 23 13.81 22.11 -2.53
C ILE A 23 14.23 23.36 -3.24
N GLU A 24 14.39 23.27 -4.57
CA GLU A 24 14.80 24.40 -5.38
C GLU A 24 13.67 25.42 -5.43
N ARG A 25 12.45 24.94 -5.59
CA ARG A 25 11.31 25.83 -5.64
C ARG A 25 10.91 26.39 -4.26
N SER A 26 11.62 25.98 -3.18
CA SER A 26 11.41 26.58 -1.84
C SER A 26 12.52 27.53 -1.40
N THR A 27 13.71 27.44 -1.99
CA THR A 27 14.84 28.22 -1.48
C THR A 27 14.60 29.74 -1.43
N ASP A 28 13.96 30.30 -2.46
CA ASP A 28 13.76 31.76 -2.54
C ASP A 28 12.53 32.21 -1.74
N ARG A 29 11.78 31.33 -1.08
CA ARG A 29 10.61 31.79 -0.33
C ARG A 29 10.81 31.81 1.18
N PHE A 30 11.99 31.41 1.63
CA PHE A 30 12.26 31.40 3.07
C PHE A 30 13.68 31.88 3.27
N ASP A 31 13.99 32.38 4.47
CA ASP A 31 15.36 32.72 4.78
C ASP A 31 16.21 31.46 4.79
N GLU A 32 15.74 30.39 5.43
CA GLU A 32 16.47 29.12 5.48
C GLU A 32 15.64 27.87 5.14
N ILE A 33 16.24 26.95 4.39
CA ILE A 33 15.68 25.59 4.21
C ILE A 33 16.48 24.55 5.00
N HIS A 34 15.77 23.63 5.65
CA HIS A 34 16.36 22.56 6.42
C HIS A 34 15.82 21.29 5.82
N VAL A 35 16.68 20.50 5.21
CA VAL A 35 16.32 19.21 4.66
C VAL A 35 16.61 18.26 5.82
N CYS A 36 15.60 17.65 6.37
CA CYS A 36 15.76 16.78 7.53
C CYS A 36 15.68 15.38 7.17
N VAL A 37 16.69 14.62 7.55
CA VAL A 37 16.71 13.20 7.21
C VAL A 37 16.23 12.41 8.40
N LEU A 38 15.37 11.47 8.09
CA LEU A 38 14.88 10.51 9.06
C LEU A 38 15.89 9.43 9.46
N LYS A 39 16.07 9.23 10.76
CA LYS A 39 17.02 8.24 11.30
C LYS A 39 16.70 6.73 11.06
N ASN A 40 16.48 5.91 12.11
CA ASN A 40 16.76 4.43 11.98
C ASN A 40 16.08 3.87 10.69
N SER A 41 14.75 3.70 10.66
CA SER A 41 13.81 3.96 11.76
C SER A 41 12.76 2.81 11.90
N LYS A 42 13.13 1.51 11.77
CA LYS A 42 14.44 0.97 11.35
C LYS A 42 14.56 0.81 9.79
N LYS A 43 13.61 0.09 9.18
CA LYS A 43 13.44 0.08 7.69
C LYS A 43 14.72 -0.22 6.92
N GLU A 44 14.69 -1.32 6.13
CA GLU A 44 15.91 -1.90 5.52
C GLU A 44 16.26 -1.34 4.16
N GLY A 45 17.58 -1.18 3.98
CA GLY A 45 18.17 -0.62 2.78
C GLY A 45 17.75 0.81 2.47
N THR A 46 18.45 1.44 1.53
CA THR A 46 19.64 0.87 0.89
C THR A 46 20.87 1.71 1.15
N PHE A 47 20.69 2.90 1.71
CA PHE A 47 21.80 3.77 2.05
C PHE A 47 21.70 4.08 3.53
N SER A 48 22.83 4.12 4.23
CA SER A 48 22.76 4.47 5.64
C SER A 48 22.49 5.97 5.74
N LEU A 49 22.20 6.35 6.97
CA LEU A 49 21.92 7.72 7.28
C LEU A 49 23.04 8.59 6.74
N GLU A 50 24.27 8.16 6.97
CA GLU A 50 25.40 9.02 6.78
C GLU A 50 25.55 9.26 5.31
N GLU A 51 25.32 8.22 4.53
CA GLU A 51 25.49 8.34 3.11
C GLU A 51 24.37 9.17 2.53
N ARG A 52 23.17 9.05 3.10
CA ARG A 52 22.04 9.78 2.56
C ARG A 52 22.20 11.28 2.75
N MET A 53 22.82 11.64 3.86
CA MET A 53 23.05 13.02 4.21
C MET A 53 24.09 13.62 3.27
N ASP A 54 25.21 12.95 3.17
CA ASP A 54 26.25 13.35 2.24
C ASP A 54 25.78 13.54 0.78
N LEU A 55 25.00 12.57 0.28
CA LEU A 55 24.42 12.69 -1.08
C LEU A 55 23.59 13.95 -1.21
N ILE A 56 22.79 14.23 -0.17
CA ILE A 56 21.95 15.43 -0.15
C ILE A 56 22.81 16.72 -0.12
N GLU A 57 23.72 16.79 0.87
CA GLU A 57 24.73 17.84 0.95
C GLU A 57 25.38 18.19 -0.39
N GLN A 58 25.85 17.17 -1.13
CA GLN A 58 26.42 17.40 -2.48
C GLN A 58 25.43 17.78 -3.59
N SER A 59 24.18 17.32 -3.53
CA SER A 59 23.22 17.73 -4.56
C SER A 59 22.71 19.18 -4.32
N VAL A 60 22.88 19.70 -3.11
CA VAL A 60 22.38 21.04 -2.82
C VAL A 60 23.44 22.07 -2.53
N LYS A 61 24.68 21.85 -2.93
CA LYS A 61 25.70 22.79 -2.49
C LYS A 61 25.71 24.04 -3.37
N HIS A 62 24.92 24.03 -4.42
CA HIS A 62 24.72 25.22 -5.23
C HIS A 62 23.61 26.14 -4.65
N LEU A 63 23.18 25.88 -3.42
CA LEU A 63 22.03 26.54 -2.83
C LEU A 63 22.40 26.97 -1.42
N PRO A 64 22.82 28.25 -1.25
CA PRO A 64 23.41 28.69 0.03
C PRO A 64 22.51 28.54 1.25
N ASN A 65 21.20 28.78 1.14
CA ASN A 65 20.31 28.74 2.33
C ASN A 65 19.78 27.37 2.77
N VAL A 66 20.34 26.30 2.21
CA VAL A 66 19.87 24.97 2.55
C VAL A 66 20.85 24.33 3.50
N LYS A 67 20.36 23.67 4.52
CA LYS A 67 21.20 22.95 5.47
C LYS A 67 20.58 21.62 5.66
N VAL A 68 21.36 20.69 6.18
CA VAL A 68 21.03 19.29 6.17
C VAL A 68 21.23 18.75 7.54
N HIS A 69 20.18 18.18 8.10
CA HIS A 69 20.21 17.71 9.48
C HIS A 69 19.54 16.36 9.55
N GLN A 70 19.59 15.78 10.74
CA GLN A 70 18.97 14.51 10.99
C GLN A 70 18.23 14.56 12.34
N PHE A 71 17.06 13.95 12.40
CA PHE A 71 16.32 13.90 13.69
C PHE A 71 15.77 12.51 14.01
N SER A 72 15.66 12.27 15.31
CA SER A 72 15.14 11.04 15.86
C SER A 72 13.69 11.29 16.22
N GLY A 73 13.48 12.21 17.16
CA GLY A 73 12.13 12.51 17.66
C GLY A 73 11.06 12.79 16.59
N LEU A 74 10.18 13.73 16.90
CA LEU A 74 9.02 14.02 16.08
C LEU A 74 9.33 15.20 15.23
N LEU A 75 8.75 15.24 14.04
CA LEU A 75 9.07 16.28 13.12
C LEU A 75 8.64 17.62 13.69
N VAL A 76 7.47 17.70 14.34
CA VAL A 76 7.08 18.98 14.97
C VAL A 76 8.02 19.38 16.12
N ASP A 77 8.59 18.43 16.85
CA ASP A 77 9.53 18.77 17.92
C ASP A 77 10.78 19.41 17.32
N TYR A 78 11.30 18.83 16.24
CA TYR A 78 12.36 19.47 15.44
C TYR A 78 12.02 20.91 15.03
N CYS A 79 10.96 21.09 14.27
CA CYS A 79 10.52 22.43 13.88
C CYS A 79 10.52 23.40 15.07
N GLU A 80 10.01 22.95 16.23
CA GLU A 80 9.91 23.83 17.41
C GLU A 80 11.31 24.09 17.95
N GLN A 81 12.12 23.05 18.03
CA GLN A 81 13.52 23.16 18.46
C GLN A 81 14.23 24.32 17.77
N VAL A 82 14.08 24.42 16.43
CA VAL A 82 14.89 25.35 15.61
C VAL A 82 14.14 26.58 15.12
N GLY A 83 12.86 26.75 15.48
CA GLY A 83 12.12 27.97 15.15
C GLY A 83 11.43 27.94 13.79
N ALA A 84 11.24 26.74 13.24
CA ALA A 84 10.63 26.57 11.94
C ALA A 84 9.14 26.52 12.09
N LYS A 85 8.46 27.44 11.41
CA LYS A 85 6.99 27.47 11.35
C LYS A 85 6.28 26.66 10.22
N THR A 86 7.05 26.17 9.26
CA THR A 86 6.49 25.56 8.08
C THR A 86 7.23 24.29 7.77
N ILE A 87 6.47 23.30 7.31
CA ILE A 87 6.95 22.06 6.76
C ILE A 87 6.52 22.00 5.30
N ILE A 88 7.48 21.68 4.39
CA ILE A 88 7.18 21.57 2.98
C ILE A 88 7.30 20.10 2.52
N ARG A 89 6.29 19.66 1.75
CA ARG A 89 6.23 18.35 1.14
C ARG A 89 5.69 18.48 -0.26
N GLY A 90 5.92 17.46 -1.07
CA GLY A 90 5.44 17.41 -2.42
C GLY A 90 4.35 16.39 -2.60
N LEU A 91 3.45 16.70 -3.51
CA LEU A 91 2.35 15.81 -3.89
C LEU A 91 2.58 15.41 -5.35
N ARG A 92 2.71 14.11 -5.60
CA ARG A 92 2.72 13.58 -6.98
C ARG A 92 1.32 13.08 -7.42
N ALA A 93 0.57 12.53 -6.49
CA ALA A 93 -0.57 11.71 -6.83
C ALA A 93 -1.64 11.66 -5.72
N VAL A 94 -2.78 11.09 -6.05
CA VAL A 94 -3.89 10.90 -5.11
C VAL A 94 -3.46 10.14 -3.85
N SER A 95 -2.67 9.06 -4.04
CA SER A 95 -2.15 8.29 -2.93
C SER A 95 -1.27 9.13 -2.00
N ASP A 96 -0.38 9.95 -2.57
CA ASP A 96 0.41 10.94 -1.77
C ASP A 96 -0.55 11.82 -0.97
N PHE A 97 -1.58 12.29 -1.66
CA PHE A 97 -2.51 13.23 -1.04
C PHE A 97 -3.17 12.63 0.21
N GLU A 98 -3.76 11.46 0.08
CA GLU A 98 -4.43 10.86 1.23
C GLU A 98 -3.53 10.50 2.41
N TYR A 99 -2.40 9.86 2.14
CA TYR A 99 -1.37 9.58 3.12
C TYR A 99 -1.05 10.90 3.79
N GLU A 100 -0.82 11.97 3.03
CA GLU A 100 -0.47 13.28 3.61
C GLU A 100 -1.51 13.95 4.47
N LEU A 101 -2.79 13.88 4.07
CA LEU A 101 -3.89 14.44 4.87
C LEU A 101 -3.91 13.89 6.31
N ARG A 102 -3.83 12.56 6.45
CA ARG A 102 -3.81 11.93 7.75
C ARG A 102 -2.55 12.30 8.58
N LEU A 103 -1.37 12.41 7.98
CA LEU A 103 -0.17 12.81 8.72
C LEU A 103 -0.27 14.25 9.15
N THR A 104 -0.69 15.14 8.24
CA THR A 104 -0.83 16.58 8.58
C THR A 104 -1.97 16.83 9.62
N SER A 105 -2.99 15.97 9.64
CA SER A 105 -3.98 16.06 10.67
C SER A 105 -3.34 15.81 12.03
N MET A 106 -2.65 14.69 12.15
CA MET A 106 -2.01 14.35 13.40
C MET A 106 -0.98 15.40 13.84
N ASN A 107 -0.15 15.84 12.91
CA ASN A 107 0.79 16.94 13.16
C ASN A 107 0.10 18.19 13.70
N LYS A 108 -1.10 18.50 13.21
CA LYS A 108 -1.78 19.71 13.71
C LYS A 108 -2.24 19.57 15.13
N LYS A 109 -2.78 18.40 15.47
CA LYS A 109 -3.06 18.06 16.87
C LYS A 109 -1.81 18.16 17.76
N LEU A 110 -0.67 17.64 17.30
CA LEU A 110 0.57 17.57 18.10
C LEU A 110 1.23 18.90 18.27
N ASN A 111 1.00 19.81 17.32
CA ASN A 111 1.43 21.20 17.43
C ASN A 111 0.76 22.11 16.39
N ASN A 112 -0.11 22.99 16.87
CA ASN A 112 -1.04 23.75 16.03
C ASN A 112 -0.35 24.90 15.33
N GLU A 113 0.86 25.17 15.78
CA GLU A 113 1.58 26.35 15.39
C GLU A 113 2.48 26.08 14.20
N ILE A 114 2.60 24.80 13.77
CA ILE A 114 3.30 24.49 12.51
C ILE A 114 2.30 24.19 11.38
N GLU A 115 2.56 24.74 10.18
CA GLU A 115 1.77 24.40 8.99
C GLU A 115 2.59 23.57 8.06
N THR A 116 1.91 22.69 7.34
CA THR A 116 2.49 21.96 6.26
C THR A 116 1.98 22.62 5.02
N LEU A 117 2.87 22.87 4.09
CA LEU A 117 2.44 23.45 2.84
C LEU A 117 2.90 22.50 1.79
N TYR A 118 2.04 22.29 0.79
CA TYR A 118 2.24 21.35 -0.27
C TYR A 118 2.44 22.01 -1.63
N MET A 119 3.39 21.48 -2.42
CA MET A 119 3.61 21.87 -3.81
C MET A 119 3.43 20.64 -4.66
N MET A 120 2.80 20.83 -5.81
CA MET A 120 2.73 19.76 -6.82
C MET A 120 4.08 19.51 -7.49
N SER A 121 4.39 18.24 -7.65
CA SER A 121 5.51 17.83 -8.47
C SER A 121 5.40 18.47 -9.78
N SER A 122 6.54 18.81 -10.32
CA SER A 122 6.57 19.22 -11.71
C SER A 122 6.25 17.97 -12.52
N THR A 123 5.71 18.20 -13.69
CA THR A 123 5.20 17.14 -14.52
C THR A 123 6.34 16.23 -15.02
N ASN A 124 7.51 16.79 -15.20
CA ASN A 124 8.66 15.96 -15.53
C ASN A 124 8.98 14.93 -14.47
N TYR A 125 8.71 15.25 -13.21
CA TYR A 125 9.19 14.43 -12.13
C TYR A 125 8.16 13.66 -11.37
N SER A 126 6.91 13.61 -11.86
CA SER A 126 5.76 13.10 -11.10
C SER A 126 5.64 11.55 -10.94
N PHE A 127 6.38 10.79 -11.76
CA PHE A 127 6.47 9.34 -11.61
C PHE A 127 7.75 8.94 -10.84
N ILE A 128 8.56 9.90 -10.42
CA ILE A 128 9.81 9.55 -9.76
C ILE A 128 9.68 9.31 -8.26
N SER A 129 10.08 8.10 -7.83
CA SER A 129 10.29 7.76 -6.41
C SER A 129 11.76 7.31 -6.21
N SER A 130 12.32 7.40 -5.01
CA SER A 130 13.51 6.66 -4.72
C SER A 130 13.34 5.16 -5.07
N SER A 131 12.19 4.59 -4.74
CA SER A 131 11.99 3.18 -5.09
C SER A 131 12.13 2.89 -6.53
N ILE A 132 11.52 3.66 -7.41
CA ILE A 132 11.51 3.20 -8.81
C ILE A 132 12.91 3.44 -9.47
N VAL A 133 13.63 4.42 -8.98
CA VAL A 133 14.97 4.71 -9.43
C VAL A 133 15.90 3.58 -9.01
N LYS A 134 15.77 3.10 -7.77
CA LYS A 134 16.53 1.96 -7.33
C LYS A 134 16.21 0.73 -8.17
N GLU A 135 14.93 0.49 -8.44
CA GLU A 135 14.54 -0.64 -9.24
C GLU A 135 15.22 -0.65 -10.57
N VAL A 136 15.27 0.49 -11.25
CA VAL A 136 15.81 0.51 -12.63
C VAL A 136 17.33 0.52 -12.68
N ALA A 137 17.94 1.22 -11.73
CA ALA A 137 19.36 1.16 -11.43
C ALA A 137 19.87 -0.27 -11.21
N ALA A 138 19.16 -1.06 -10.40
CA ALA A 138 19.52 -2.48 -10.24
C ALA A 138 19.70 -3.24 -11.57
N TYR A 139 18.96 -2.87 -12.63
CA TYR A 139 19.13 -3.50 -13.94
C TYR A 139 19.98 -2.67 -14.91
N ARG A 140 20.85 -1.85 -14.34
CA ARG A 140 21.89 -1.15 -15.05
C ARG A 140 21.35 -0.15 -16.10
N ALA A 141 20.12 0.30 -15.93
CA ALA A 141 19.56 1.23 -16.91
C ALA A 141 20.04 2.66 -16.69
N ASP A 142 19.76 3.54 -17.63
CA ASP A 142 20.17 4.95 -17.52
C ASP A 142 19.26 5.77 -16.53
N ILE A 143 19.88 6.36 -15.52
CA ILE A 143 19.18 7.09 -14.50
C ILE A 143 19.56 8.58 -14.49
N SER A 144 20.31 9.04 -15.46
CA SER A 144 20.85 10.41 -15.40
C SER A 144 19.78 11.51 -15.46
N GLU A 145 18.59 11.16 -15.90
CA GLU A 145 17.49 12.12 -16.00
C GLU A 145 16.71 12.19 -14.66
N PHE A 146 16.89 11.20 -13.77
CA PHE A 146 16.13 11.07 -12.51
C PHE A 146 16.87 11.50 -11.24
N VAL A 147 18.20 11.54 -11.27
CA VAL A 147 18.95 11.82 -10.05
C VAL A 147 20.16 12.65 -10.35
N PRO A 148 20.61 13.47 -9.37
CA PRO A 148 21.84 14.22 -9.61
C PRO A 148 23.07 13.32 -9.80
N PRO A 149 24.08 13.83 -10.53
CA PRO A 149 25.33 13.11 -10.88
C PRO A 149 26.02 12.40 -9.73
N TYR A 150 26.19 13.06 -8.58
CA TYR A 150 26.82 12.39 -7.44
C TYR A 150 25.95 11.19 -6.90
N VAL A 151 24.64 11.27 -7.10
CA VAL A 151 23.71 10.17 -6.74
C VAL A 151 23.74 9.08 -7.80
N GLU A 152 23.74 9.47 -9.06
CA GLU A 152 23.95 8.51 -10.15
C GLU A 152 25.13 7.56 -9.84
N LYS A 153 26.24 8.13 -9.39
CA LYS A 153 27.45 7.34 -9.08
C LYS A 153 27.27 6.36 -7.93
N ALA A 154 26.65 6.81 -6.84
CA ALA A 154 26.46 5.99 -5.67
C ALA A 154 25.47 4.88 -5.92
N LEU A 155 24.59 5.06 -6.92
CA LEU A 155 23.71 3.98 -7.34
C LEU A 155 24.48 2.99 -8.22
N LYS A 156 25.11 3.47 -9.27
CA LYS A 156 25.92 2.58 -10.05
C LYS A 156 26.88 1.80 -9.13
N LYS A 157 27.57 2.51 -8.22
CA LYS A 157 28.52 1.83 -7.30
C LYS A 157 27.86 0.72 -6.50
N LYS A 158 26.70 1.02 -5.92
CA LYS A 158 25.90 0.07 -5.16
C LYS A 158 25.36 -1.11 -5.98
N PHE A 159 24.93 -0.88 -7.20
CA PHE A 159 24.25 -1.92 -7.96
C PHE A 159 25.11 -2.57 -9.03
N LYS A 160 26.40 -2.28 -9.05
CA LYS A 160 27.30 -2.92 -10.02
C LYS A 160 27.06 -2.37 -11.41
N MET B 1 -39.63 -9.35 14.02
CA MET B 1 -38.22 -8.93 13.77
C MET B 1 -37.36 -9.75 14.72
N GLU B 2 -36.62 -10.74 14.20
CA GLU B 2 -35.77 -11.65 14.99
C GLU B 2 -34.78 -10.97 15.98
N HIS B 3 -34.05 -11.79 16.75
CA HIS B 3 -32.87 -11.30 17.45
C HIS B 3 -31.66 -10.97 16.52
N THR B 4 -31.41 -9.68 16.33
CA THR B 4 -30.29 -9.23 15.47
C THR B 4 -28.91 -9.28 16.15
N ILE B 5 -27.91 -9.84 15.45
CA ILE B 5 -26.53 -9.79 15.92
C ILE B 5 -25.72 -9.18 14.82
N ALA B 6 -24.89 -8.19 15.16
CA ALA B 6 -23.93 -7.62 14.21
C ALA B 6 -22.54 -7.86 14.71
N VAL B 7 -21.62 -8.02 13.75
CA VAL B 7 -20.22 -8.21 13.98
C VAL B 7 -19.36 -7.07 13.46
N ILE B 8 -18.43 -6.65 14.30
CA ILE B 8 -17.52 -5.59 13.99
C ILE B 8 -16.12 -6.17 14.01
N PRO B 9 -15.61 -6.57 12.85
CA PRO B 9 -14.30 -7.20 12.74
C PRO B 9 -13.14 -6.24 12.77
N GLY B 10 -11.93 -6.77 12.96
CA GLY B 10 -10.71 -5.97 12.90
C GLY B 10 -9.60 -6.55 13.73
N SER B 11 -8.41 -5.98 13.64
CA SER B 11 -7.31 -6.44 14.45
C SER B 11 -7.20 -5.66 15.75
N PHE B 12 -7.63 -4.41 15.78
CA PHE B 12 -7.63 -3.66 17.02
C PHE B 12 -6.30 -3.78 17.77
N ASP B 13 -5.23 -3.19 17.23
CA ASP B 13 -3.89 -3.37 17.75
C ASP B 13 -3.21 -2.01 17.93
N PRO B 14 -3.74 -1.19 18.85
CA PRO B 14 -4.87 -1.45 19.75
C PRO B 14 -6.18 -0.81 19.25
N ILE B 15 -7.29 -1.16 19.89
CA ILE B 15 -8.51 -0.34 19.77
C ILE B 15 -8.23 1.17 20.05
N THR B 16 -8.92 2.03 19.32
CA THR B 16 -8.75 3.48 19.35
C THR B 16 -10.13 4.05 19.45
N TYR B 17 -10.25 5.36 19.62
CA TYR B 17 -11.56 6.01 19.72
C TYR B 17 -12.38 5.97 18.42
N GLY B 18 -11.70 5.93 17.29
CA GLY B 18 -12.33 5.67 15.99
C GLY B 18 -12.97 4.29 15.81
N HIS B 19 -12.36 3.23 16.35
CA HIS B 19 -13.11 1.96 16.40
C HIS B 19 -14.29 2.11 17.37
N LEU B 20 -14.03 2.73 18.51
CA LEU B 20 -15.02 2.87 19.55
C LEU B 20 -16.22 3.64 19.03
N ASP B 21 -15.95 4.73 18.33
CA ASP B 21 -16.99 5.60 17.78
C ASP B 21 -18.00 4.77 16.96
N ILE B 22 -17.47 3.92 16.08
CA ILE B 22 -18.26 2.95 15.30
C ILE B 22 -19.06 1.97 16.16
N ILE B 23 -18.41 1.48 17.20
CA ILE B 23 -19.09 0.54 18.12
C ILE B 23 -20.23 1.22 18.86
N GLU B 24 -19.96 2.39 19.42
CA GLU B 24 -21.02 3.21 20.06
C GLU B 24 -22.10 3.69 19.13
N ARG B 25 -21.84 3.75 17.83
CA ARG B 25 -22.92 4.07 16.89
C ARG B 25 -23.67 2.83 16.44
N SER B 26 -23.17 1.64 16.79
CA SER B 26 -23.83 0.38 16.48
C SER B 26 -24.65 -0.22 17.62
N THR B 27 -24.39 0.13 18.90
CA THR B 27 -25.06 -0.53 20.10
C THR B 27 -26.55 -0.53 20.08
N ASP B 28 -27.14 0.59 19.73
CA ASP B 28 -28.59 0.74 19.75
C ASP B 28 -29.29 0.11 18.53
N ARG B 29 -28.55 -0.27 17.49
CA ARG B 29 -29.19 -0.71 16.23
C ARG B 29 -29.41 -2.21 16.18
N PHE B 30 -28.83 -2.93 17.12
CA PHE B 30 -28.83 -4.38 17.09
C PHE B 30 -28.92 -4.89 18.52
N ASP B 31 -29.34 -6.14 18.66
CA ASP B 31 -29.60 -6.68 19.97
C ASP B 31 -28.26 -7.02 20.60
N GLU B 32 -27.34 -7.56 19.79
CA GLU B 32 -26.00 -7.98 20.23
C GLU B 32 -24.96 -7.43 19.27
N ILE B 33 -23.84 -6.97 19.79
CA ILE B 33 -22.74 -6.58 18.96
C ILE B 33 -21.62 -7.53 19.32
N HIS B 34 -20.94 -8.10 18.30
CA HIS B 34 -19.72 -8.90 18.49
C HIS B 34 -18.49 -8.21 17.90
N VAL B 35 -17.61 -7.74 18.76
CA VAL B 35 -16.37 -7.18 18.30
C VAL B 35 -15.53 -8.39 18.15
N CYS B 36 -15.08 -8.60 16.92
CA CYS B 36 -14.38 -9.79 16.49
C CYS B 36 -12.95 -9.48 16.18
N VAL B 37 -12.03 -10.20 16.82
CA VAL B 37 -10.60 -9.97 16.59
C VAL B 37 -10.02 -11.13 15.77
N LEU B 38 -8.99 -10.82 14.98
CA LEU B 38 -8.27 -11.84 14.15
C LEU B 38 -7.17 -12.72 14.87
N LYS B 39 -7.40 -14.05 14.82
CA LYS B 39 -6.56 -15.08 15.46
C LYS B 39 -5.67 -15.77 14.41
N ASN B 40 -4.57 -16.39 14.87
CA ASN B 40 -3.62 -17.09 13.97
C ASN B 40 -3.69 -16.40 12.62
N SER B 41 -3.49 -15.08 12.68
CA SER B 41 -3.24 -14.28 11.49
C SER B 41 -1.84 -14.59 10.97
N LYS B 42 -1.14 -15.55 11.61
CA LYS B 42 0.31 -15.74 11.40
C LYS B 42 0.86 -14.41 10.82
N LYS B 43 0.76 -13.37 11.66
CA LYS B 43 1.14 -11.96 11.33
C LYS B 43 1.08 -11.21 12.68
N GLU B 44 2.25 -10.83 13.20
CA GLU B 44 2.37 -10.23 14.55
C GLU B 44 2.05 -8.72 14.55
N GLY B 45 1.29 -8.31 15.58
CA GLY B 45 1.04 -6.90 15.92
C GLY B 45 1.86 -6.55 17.18
N THR B 46 1.55 -5.42 17.78
CA THR B 46 2.28 -4.96 18.95
C THR B 46 1.76 -5.63 20.21
N PHE B 47 0.49 -6.05 20.19
CA PHE B 47 -0.16 -6.68 21.32
C PHE B 47 -0.68 -8.06 20.94
N SER B 48 -0.52 -9.01 21.86
CA SER B 48 -0.94 -10.39 21.64
C SER B 48 -2.43 -10.39 21.54
N LEU B 49 -3.00 -11.41 20.93
CA LEU B 49 -4.43 -11.55 20.86
C LEU B 49 -5.14 -11.24 22.22
N GLU B 50 -4.62 -11.85 23.27
CA GLU B 50 -5.28 -11.87 24.56
C GLU B 50 -5.23 -10.45 25.11
N GLU B 51 -4.09 -9.79 25.00
CA GLU B 51 -3.96 -8.35 25.32
C GLU B 51 -5.00 -7.50 24.56
N ARG B 52 -5.12 -7.76 23.27
CA ARG B 52 -5.99 -6.99 22.40
C ARG B 52 -7.45 -7.16 22.80
N MET B 53 -7.80 -8.40 23.16
CA MET B 53 -9.15 -8.71 23.64
C MET B 53 -9.41 -8.00 24.99
N ASP B 54 -8.43 -8.06 25.88
CA ASP B 54 -8.55 -7.41 27.16
C ASP B 54 -8.80 -5.93 27.00
N LEU B 55 -8.03 -5.27 26.13
CA LEU B 55 -8.19 -3.81 25.91
C LEU B 55 -9.56 -3.41 25.35
N ILE B 56 -10.07 -4.19 24.40
CA ILE B 56 -11.44 -3.95 23.91
C ILE B 56 -12.41 -4.12 25.08
N GLU B 57 -12.29 -5.23 25.80
CA GLU B 57 -13.21 -5.52 26.93
C GLU B 57 -13.39 -4.33 27.87
N GLN B 58 -12.29 -3.74 28.35
CA GLN B 58 -12.34 -2.55 29.22
C GLN B 58 -12.78 -1.26 28.53
N SER B 59 -12.51 -1.17 27.24
CA SER B 59 -12.92 -0.03 26.46
C SER B 59 -14.43 -0.14 26.14
N VAL B 60 -15.03 -1.34 26.19
CA VAL B 60 -16.50 -1.45 25.94
C VAL B 60 -17.49 -1.82 27.10
N LYS B 61 -17.01 -1.98 28.31
CA LYS B 61 -17.84 -2.52 29.38
C LYS B 61 -18.91 -1.56 29.81
N HIS B 62 -18.73 -0.27 29.46
CA HIS B 62 -19.76 0.74 29.67
C HIS B 62 -21.04 0.60 28.80
N LEU B 63 -21.04 -0.31 27.83
CA LEU B 63 -22.18 -0.48 26.93
C LEU B 63 -22.94 -1.70 27.31
N PRO B 64 -24.19 -1.78 26.85
CA PRO B 64 -25.04 -2.85 27.35
C PRO B 64 -24.82 -4.22 26.76
N ASN B 65 -24.41 -4.31 25.49
CA ASN B 65 -24.69 -5.50 24.64
C ASN B 65 -23.54 -5.82 23.73
N VAL B 66 -22.30 -5.63 24.20
CA VAL B 66 -21.14 -5.84 23.35
C VAL B 66 -20.22 -6.89 23.95
N LYS B 67 -19.87 -7.85 23.12
CA LYS B 67 -19.08 -8.99 23.54
C LYS B 67 -17.89 -9.16 22.63
N VAL B 68 -16.75 -9.45 23.23
CA VAL B 68 -15.49 -9.56 22.55
C VAL B 68 -15.17 -11.03 22.31
N HIS B 69 -15.01 -11.39 21.04
CA HIS B 69 -14.58 -12.73 20.61
C HIS B 69 -13.41 -12.71 19.62
N GLN B 70 -12.81 -13.88 19.44
CA GLN B 70 -11.74 -14.13 18.48
C GLN B 70 -12.21 -15.17 17.46
N PHE B 71 -11.67 -15.09 16.25
CA PHE B 71 -11.91 -16.14 15.27
C PHE B 71 -10.67 -16.35 14.41
N SER B 72 -10.47 -17.60 13.98
CA SER B 72 -9.35 -17.95 13.09
C SER B 72 -9.76 -18.39 11.67
N GLY B 73 -11.04 -18.67 11.44
CA GLY B 73 -11.55 -18.89 10.07
C GLY B 73 -12.01 -17.62 9.34
N LEU B 74 -12.89 -17.79 8.35
CA LEU B 74 -13.48 -16.66 7.63
C LEU B 74 -14.51 -15.87 8.48
N LEU B 75 -14.50 -14.57 8.28
CA LEU B 75 -15.50 -13.73 8.87
C LEU B 75 -16.87 -14.31 8.58
N VAL B 76 -17.26 -14.44 7.32
CA VAL B 76 -18.64 -14.90 7.02
C VAL B 76 -19.00 -16.22 7.69
N ASP B 77 -18.00 -17.05 8.06
CA ASP B 77 -18.31 -18.29 8.79
C ASP B 77 -18.60 -18.06 10.30
N TYR B 78 -17.79 -17.22 10.95
CA TYR B 78 -18.15 -16.74 12.29
C TYR B 78 -19.57 -16.21 12.32
N CYS B 79 -19.90 -15.40 11.31
CA CYS B 79 -21.23 -14.85 11.21
C CYS B 79 -22.24 -15.99 11.13
N GLU B 80 -21.98 -16.91 10.21
CA GLU B 80 -22.83 -18.09 9.99
C GLU B 80 -23.14 -18.81 11.30
N GLN B 81 -22.12 -19.03 12.13
CA GLN B 81 -22.24 -19.86 13.35
C GLN B 81 -22.94 -19.20 14.58
N VAL B 82 -22.81 -17.88 14.73
CA VAL B 82 -23.45 -17.14 15.79
C VAL B 82 -24.75 -16.55 15.30
N GLY B 83 -25.10 -16.75 14.03
CA GLY B 83 -26.35 -16.22 13.51
C GLY B 83 -26.31 -14.72 13.24
N ALA B 84 -25.13 -14.19 12.97
CA ALA B 84 -25.00 -12.75 12.68
C ALA B 84 -25.34 -12.55 11.22
N LYS B 85 -26.25 -11.63 10.92
CA LYS B 85 -26.58 -11.34 9.52
C LYS B 85 -25.99 -10.03 9.01
N THR B 86 -25.12 -9.40 9.79
CA THR B 86 -24.58 -8.09 9.42
C THR B 86 -23.17 -7.92 9.90
N ILE B 87 -22.37 -7.23 9.09
CA ILE B 87 -21.01 -6.83 9.43
C ILE B 87 -20.99 -5.34 9.34
N ILE B 88 -20.22 -4.70 10.23
CA ILE B 88 -20.16 -3.26 10.34
C ILE B 88 -18.71 -2.85 10.28
N ARG B 89 -18.42 -1.92 9.36
CA ARG B 89 -17.08 -1.41 9.13
C ARG B 89 -17.19 0.11 8.98
N GLY B 90 -16.08 0.78 9.22
CA GLY B 90 -15.99 2.24 9.18
C GLY B 90 -15.15 2.67 7.98
N LEU B 91 -15.58 3.73 7.32
CA LEU B 91 -14.94 4.22 6.13
C LEU B 91 -14.41 5.58 6.50
N ARG B 92 -13.09 5.77 6.37
CA ARG B 92 -12.41 7.05 6.65
C ARG B 92 -11.99 7.82 5.38
N ALA B 93 -11.61 7.10 4.34
CA ALA B 93 -10.90 7.68 3.21
C ALA B 93 -11.13 6.89 1.93
N VAL B 94 -10.70 7.44 0.80
CA VAL B 94 -10.81 6.76 -0.51
C VAL B 94 -10.09 5.40 -0.58
N SER B 95 -8.94 5.26 0.05
CA SER B 95 -8.19 3.96 0.01
C SER B 95 -8.94 2.85 0.78
N ASP B 96 -9.54 3.22 1.91
CA ASP B 96 -10.51 2.37 2.58
C ASP B 96 -11.58 1.91 1.68
N PHE B 97 -12.13 2.84 0.88
CA PHE B 97 -13.27 2.53 0.01
C PHE B 97 -12.97 1.37 -0.91
N GLU B 98 -11.83 1.48 -1.60
CA GLU B 98 -11.46 0.50 -2.64
C GLU B 98 -11.07 -0.84 -2.06
N TYR B 99 -10.31 -0.80 -0.97
CA TYR B 99 -9.95 -2.00 -0.26
C TYR B 99 -11.26 -2.68 0.14
N GLU B 100 -12.17 -1.93 0.75
CA GLU B 100 -13.43 -2.50 1.22
C GLU B 100 -14.33 -2.92 0.08
N LEU B 101 -14.30 -2.23 -1.06
CA LEU B 101 -15.20 -2.66 -2.15
C LEU B 101 -14.87 -4.11 -2.59
N ARG B 102 -13.60 -4.44 -2.59
CA ARG B 102 -13.11 -5.76 -2.99
C ARG B 102 -13.46 -6.86 -1.97
N LEU B 103 -13.28 -6.58 -0.69
CA LEU B 103 -13.61 -7.56 0.33
C LEU B 103 -15.09 -7.87 0.33
N THR B 104 -15.95 -6.84 0.24
CA THR B 104 -17.40 -7.13 0.37
C THR B 104 -17.87 -7.79 -0.92
N SER B 105 -17.26 -7.46 -2.07
CA SER B 105 -17.53 -8.25 -3.28
C SER B 105 -17.20 -9.74 -3.03
N MET B 106 -16.12 -10.02 -2.33
CA MET B 106 -15.75 -11.40 -2.13
C MET B 106 -16.68 -12.04 -1.13
N ASN B 107 -16.92 -11.31 -0.02
CA ASN B 107 -17.88 -11.75 1.02
C ASN B 107 -19.28 -12.01 0.50
N LYS B 108 -19.74 -11.25 -0.47
CA LYS B 108 -21.04 -11.56 -1.11
C LYS B 108 -21.08 -12.84 -1.95
N LYS B 109 -19.98 -13.16 -2.66
CA LYS B 109 -19.92 -14.43 -3.37
C LYS B 109 -19.82 -15.62 -2.40
N LEU B 110 -19.03 -15.49 -1.33
CA LEU B 110 -18.83 -16.55 -0.33
C LEU B 110 -20.11 -16.92 0.42
N ASN B 111 -20.79 -15.90 0.92
CA ASN B 111 -22.05 -16.03 1.58
C ASN B 111 -22.90 -14.78 1.30
N ASN B 112 -23.86 -14.90 0.39
CA ASN B 112 -24.76 -13.81 0.01
C ASN B 112 -25.92 -13.49 0.98
N GLU B 113 -25.95 -14.12 2.14
CA GLU B 113 -26.96 -13.80 3.15
C GLU B 113 -26.45 -12.84 4.23
N ILE B 114 -25.18 -12.44 4.18
CA ILE B 114 -24.65 -11.44 5.11
C ILE B 114 -24.51 -10.13 4.37
N GLU B 115 -24.98 -9.06 4.97
CA GLU B 115 -24.78 -7.74 4.42
C GLU B 115 -23.66 -7.03 5.20
N THR B 116 -22.96 -6.11 4.55
CA THR B 116 -21.95 -5.31 5.20
C THR B 116 -22.41 -3.87 5.20
N LEU B 117 -22.44 -3.24 6.33
CA LEU B 117 -22.96 -1.92 6.37
C LEU B 117 -21.79 -1.12 6.74
N TYR B 118 -21.69 0.03 6.07
CA TYR B 118 -20.60 0.91 6.26
C TYR B 118 -21.09 2.23 6.86
N MET B 119 -20.32 2.82 7.76
CA MET B 119 -20.64 4.16 8.19
C MET B 119 -19.44 5.04 7.97
N MET B 120 -19.69 6.29 7.65
CA MET B 120 -18.61 7.26 7.60
C MET B 120 -18.12 7.57 9.03
N SER B 121 -16.82 7.63 9.16
CA SER B 121 -16.15 8.04 10.39
C SER B 121 -16.49 9.45 10.76
N SER B 122 -16.47 9.76 12.05
CA SER B 122 -16.69 11.14 12.47
C SER B 122 -15.50 12.00 12.04
N THR B 123 -15.75 13.27 11.77
CA THR B 123 -14.72 14.20 11.35
C THR B 123 -13.50 14.20 12.29
N ASN B 124 -13.75 14.19 13.58
CA ASN B 124 -12.65 14.30 14.52
C ASN B 124 -11.84 12.98 14.70
N TYR B 125 -12.33 11.84 14.17
CA TYR B 125 -11.51 10.59 14.14
C TYR B 125 -11.09 10.10 12.75
N SER B 126 -11.27 10.94 11.72
CA SER B 126 -10.98 10.60 10.32
C SER B 126 -9.55 10.07 10.13
N PHE B 127 -8.61 10.73 10.80
CA PHE B 127 -7.15 10.49 10.65
C PHE B 127 -6.54 9.45 11.60
N ILE B 128 -7.33 8.89 12.50
CA ILE B 128 -6.78 7.98 13.49
C ILE B 128 -6.60 6.61 12.89
N SER B 129 -5.56 5.93 13.35
CA SER B 129 -5.33 4.56 13.00
C SER B 129 -4.47 3.99 14.12
N SER B 130 -4.59 2.71 14.41
CA SER B 130 -3.70 2.11 15.37
C SER B 130 -2.25 2.50 15.13
N SER B 131 -1.82 2.45 13.86
CA SER B 131 -0.41 2.72 13.49
C SER B 131 -0.03 4.13 13.85
N ILE B 132 -0.85 5.10 13.51
CA ILE B 132 -0.39 6.47 13.73
C ILE B 132 -0.34 6.67 15.22
N VAL B 133 -1.22 6.00 15.92
CA VAL B 133 -1.22 6.09 17.37
C VAL B 133 0.03 5.43 17.96
N LYS B 134 0.44 4.28 17.44
CA LYS B 134 1.61 3.64 18.02
C LYS B 134 2.84 4.49 17.76
N GLU B 135 2.92 5.03 16.54
CA GLU B 135 3.96 6.01 16.19
C GLU B 135 4.02 7.16 17.19
N VAL B 136 2.90 7.80 17.47
CA VAL B 136 2.98 8.91 18.40
C VAL B 136 3.41 8.46 19.81
N ALA B 137 2.96 7.26 20.19
CA ALA B 137 3.23 6.71 21.52
C ALA B 137 4.72 6.41 21.73
N ALA B 138 5.38 5.98 20.67
CA ALA B 138 6.78 5.60 20.73
C ALA B 138 7.63 6.80 21.04
N TYR B 139 7.25 7.96 20.50
CA TYR B 139 7.90 9.22 20.85
C TYR B 139 7.32 9.84 22.14
N ARG B 140 6.54 9.05 22.87
CA ARG B 140 6.10 9.40 24.20
C ARG B 140 5.43 10.78 24.22
N ALA B 141 4.47 10.98 23.33
CA ALA B 141 3.65 12.20 23.32
C ALA B 141 2.22 11.92 23.81
N ASP B 142 1.46 12.99 24.05
CA ASP B 142 0.11 12.90 24.68
C ASP B 142 -0.92 12.25 23.73
N ILE B 143 -1.25 11.00 24.02
CA ILE B 143 -2.22 10.27 23.22
C ILE B 143 -3.61 10.21 23.87
N SER B 144 -3.87 11.09 24.84
CA SER B 144 -5.16 11.10 25.52
C SER B 144 -6.33 11.35 24.58
N GLU B 145 -6.11 12.11 23.51
CA GLU B 145 -7.16 12.39 22.54
C GLU B 145 -7.61 11.17 21.70
N PHE B 146 -6.78 10.13 21.62
CA PHE B 146 -6.89 9.14 20.52
C PHE B 146 -7.33 7.74 20.95
N VAL B 147 -7.09 7.40 22.20
CA VAL B 147 -7.50 6.11 22.73
C VAL B 147 -8.04 6.25 24.15
N PRO B 148 -8.79 5.22 24.65
CA PRO B 148 -9.27 5.20 26.06
C PRO B 148 -8.14 5.10 27.10
N PRO B 149 -8.37 5.65 28.32
CA PRO B 149 -7.44 5.63 29.45
C PRO B 149 -6.74 4.29 29.64
N TYR B 150 -7.52 3.21 29.56
CA TYR B 150 -6.97 1.87 29.66
C TYR B 150 -6.00 1.57 28.52
N VAL B 151 -6.35 1.95 27.29
CA VAL B 151 -5.41 1.76 26.17
C VAL B 151 -4.19 2.66 26.30
N GLU B 152 -4.39 3.87 26.76
CA GLU B 152 -3.30 4.81 26.91
C GLU B 152 -2.26 4.36 27.92
N LYS B 153 -2.71 3.78 29.04
CA LYS B 153 -1.79 3.30 30.05
C LYS B 153 -1.05 2.08 29.51
N ALA B 154 -1.72 1.24 28.73
CA ALA B 154 -1.04 0.07 28.12
C ALA B 154 -0.06 0.41 26.96
N LEU B 155 -0.27 1.53 26.26
CA LEU B 155 0.68 1.99 25.26
C LEU B 155 1.89 2.64 25.94
N LYS B 156 1.69 3.38 27.00
CA LYS B 156 2.80 3.92 27.77
C LYS B 156 3.67 2.80 28.34
N LYS B 157 3.05 1.76 28.90
CA LYS B 157 3.78 0.56 29.32
C LYS B 157 4.66 -0.02 28.20
N LYS B 158 4.07 -0.18 26.99
CA LYS B 158 4.78 -0.75 25.81
C LYS B 158 6.07 -0.01 25.47
N PHE B 159 5.92 1.29 25.26
CA PHE B 159 6.97 2.12 24.69
C PHE B 159 7.76 2.88 25.75
N LYS B 160 8.17 2.16 26.79
CA LYS B 160 8.64 2.78 28.04
C LYS B 160 7.64 3.83 28.52
N MET C 1 -0.13 -4.18 -42.94
CA MET C 1 0.45 -4.16 -41.57
C MET C 1 1.24 -5.44 -41.22
N GLU C 2 2.24 -5.26 -40.36
CA GLU C 2 3.32 -6.23 -40.17
C GLU C 2 3.05 -7.41 -39.21
N HIS C 3 4.15 -8.08 -38.82
CA HIS C 3 4.14 -9.06 -37.73
C HIS C 3 4.17 -8.29 -36.39
N THR C 4 3.33 -8.73 -35.43
CA THR C 4 3.06 -7.98 -34.20
C THR C 4 3.13 -8.93 -33.04
N ILE C 5 3.96 -8.59 -32.05
CA ILE C 5 4.00 -9.32 -30.80
C ILE C 5 3.56 -8.37 -29.68
N ALA C 6 2.72 -8.85 -28.74
CA ALA C 6 2.37 -8.11 -27.52
C ALA C 6 2.72 -8.91 -26.26
N VAL C 7 3.26 -8.23 -25.27
CA VAL C 7 3.68 -8.89 -24.06
C VAL C 7 2.68 -8.59 -22.91
N ILE C 8 2.27 -9.60 -22.14
CA ILE C 8 1.34 -9.44 -21.00
C ILE C 8 2.08 -9.92 -19.78
N PRO C 9 2.67 -8.98 -19.02
CA PRO C 9 3.60 -9.34 -17.99
C PRO C 9 2.88 -9.51 -16.69
N GLY C 10 3.56 -10.04 -15.69
CA GLY C 10 2.95 -10.23 -14.37
C GLY C 10 3.61 -11.24 -13.45
N SER C 11 3.16 -11.26 -12.21
CA SER C 11 3.56 -12.29 -11.24
C SER C 11 2.92 -13.64 -11.54
N PHE C 12 1.60 -13.61 -11.81
CA PHE C 12 0.81 -14.81 -12.02
C PHE C 12 1.01 -15.87 -10.91
N ASP C 13 0.71 -15.46 -9.67
CA ASP C 13 1.00 -16.20 -8.48
C ASP C 13 -0.24 -16.49 -7.69
N PRO C 14 -1.14 -17.33 -8.21
CA PRO C 14 -1.19 -17.96 -9.51
C PRO C 14 -2.03 -17.14 -10.51
N ILE C 15 -1.98 -17.49 -11.78
CA ILE C 15 -2.95 -16.99 -12.74
C ILE C 15 -4.39 -17.25 -12.27
N THR C 16 -5.29 -16.35 -12.65
CA THR C 16 -6.68 -16.42 -12.32
C THR C 16 -7.43 -16.21 -13.62
N TYR C 17 -8.76 -16.27 -13.55
CA TYR C 17 -9.59 -15.99 -14.70
C TYR C 17 -9.60 -14.48 -15.04
N GLY C 18 -9.15 -13.65 -14.11
CA GLY C 18 -9.07 -12.20 -14.32
C GLY C 18 -7.97 -11.87 -15.30
N HIS C 19 -6.81 -12.48 -15.06
CA HIS C 19 -5.64 -12.50 -15.94
C HIS C 19 -5.96 -13.05 -17.33
N LEU C 20 -6.45 -14.29 -17.38
CA LEU C 20 -6.91 -15.00 -18.60
C LEU C 20 -7.89 -14.26 -19.51
N ASP C 21 -8.79 -13.53 -18.91
CA ASP C 21 -9.73 -12.66 -19.64
C ASP C 21 -8.96 -11.64 -20.54
N ILE C 22 -8.07 -10.87 -19.92
CA ILE C 22 -7.19 -9.92 -20.58
C ILE C 22 -6.38 -10.60 -21.71
N ILE C 23 -6.04 -11.86 -21.52
CA ILE C 23 -5.24 -12.63 -22.50
C ILE C 23 -6.09 -13.09 -23.68
N GLU C 24 -7.29 -13.57 -23.41
CA GLU C 24 -8.22 -13.95 -24.49
C GLU C 24 -8.67 -12.76 -25.37
N ARG C 25 -8.86 -11.61 -24.73
CA ARG C 25 -9.23 -10.36 -25.39
C ARG C 25 -8.08 -9.73 -26.14
N SER C 26 -6.88 -10.28 -26.01
CA SER C 26 -5.70 -9.83 -26.74
C SER C 26 -5.23 -10.77 -27.87
N THR C 27 -5.68 -12.01 -27.88
CA THR C 27 -5.19 -12.97 -28.87
C THR C 27 -5.62 -12.60 -30.27
N ASP C 28 -6.87 -12.23 -30.45
CA ASP C 28 -7.37 -11.81 -31.75
C ASP C 28 -6.88 -10.41 -32.17
N ARG C 29 -5.79 -9.87 -31.60
CA ARG C 29 -5.23 -8.55 -32.04
C ARG C 29 -3.73 -8.47 -32.34
N PHE C 30 -2.96 -9.50 -32.05
CA PHE C 30 -1.57 -9.54 -32.42
C PHE C 30 -1.35 -10.95 -32.92
N ASP C 31 -0.26 -11.16 -33.63
CA ASP C 31 0.03 -12.47 -34.19
C ASP C 31 0.61 -13.41 -33.12
N GLU C 32 1.42 -12.86 -32.21
CA GLU C 32 1.95 -13.62 -31.05
C GLU C 32 1.63 -12.89 -29.72
N ILE C 33 1.42 -13.67 -28.66
CA ILE C 33 1.23 -13.13 -27.30
C ILE C 33 2.25 -13.84 -26.43
N HIS C 34 3.07 -13.08 -25.73
CA HIS C 34 3.99 -13.66 -24.78
C HIS C 34 3.48 -13.34 -23.38
N VAL C 35 2.97 -14.34 -22.69
CA VAL C 35 2.66 -14.14 -21.30
C VAL C 35 4.04 -14.21 -20.73
N CYS C 36 4.46 -13.18 -19.99
CA CYS C 36 5.84 -13.12 -19.52
C CYS C 36 5.85 -13.04 -17.99
N VAL C 37 6.43 -14.02 -17.33
CA VAL C 37 6.42 -13.99 -15.85
C VAL C 37 7.76 -13.45 -15.33
N LEU C 38 7.70 -12.30 -14.68
CA LEU C 38 8.91 -11.54 -14.36
C LEU C 38 9.29 -11.90 -12.95
N LYS C 39 9.87 -13.11 -12.80
CA LYS C 39 10.32 -13.55 -11.48
C LYS C 39 11.79 -13.14 -11.21
N ASN C 40 12.66 -14.10 -10.88
CA ASN C 40 13.86 -13.86 -10.01
C ASN C 40 13.48 -13.05 -8.78
N SER C 41 12.84 -11.89 -9.00
CA SER C 41 12.03 -11.20 -7.96
C SER C 41 11.87 -12.08 -6.72
N LYS C 42 12.61 -11.73 -5.63
CA LYS C 42 12.74 -12.52 -4.36
C LYS C 42 12.80 -11.74 -2.99
N LYS C 43 11.76 -11.02 -2.55
CA LYS C 43 10.54 -10.66 -3.31
C LYS C 43 9.74 -11.81 -3.97
N GLU C 44 9.96 -13.05 -3.49
CA GLU C 44 9.25 -14.25 -4.03
C GLU C 44 7.92 -14.36 -3.30
N GLY C 45 7.05 -15.25 -3.77
CA GLY C 45 5.69 -15.42 -3.23
C GLY C 45 5.38 -16.92 -3.09
N THR C 46 4.16 -17.34 -3.46
CA THR C 46 3.67 -18.67 -2.99
C THR C 46 3.75 -19.86 -3.92
N PHE C 47 3.82 -19.66 -5.23
CA PHE C 47 4.24 -20.72 -6.11
C PHE C 47 5.59 -20.32 -6.68
N SER C 48 6.47 -21.30 -6.86
CA SER C 48 7.75 -21.06 -7.54
C SER C 48 7.53 -20.72 -9.01
N LEU C 49 8.59 -20.22 -9.62
CA LEU C 49 8.61 -19.90 -11.07
C LEU C 49 8.09 -20.99 -12.04
N GLU C 50 8.65 -22.20 -11.99
CA GLU C 50 8.26 -23.31 -12.88
C GLU C 50 6.81 -23.73 -12.71
N GLU C 51 6.33 -23.74 -11.46
CA GLU C 51 4.91 -24.05 -11.17
C GLU C 51 4.01 -22.91 -11.67
N ARG C 52 4.47 -21.66 -11.55
CA ARG C 52 3.67 -20.54 -12.10
C ARG C 52 3.52 -20.57 -13.61
N MET C 53 4.64 -20.83 -14.28
CA MET C 53 4.64 -21.01 -15.71
C MET C 53 3.77 -22.21 -16.06
N ASP C 54 4.00 -23.32 -15.35
CA ASP C 54 3.24 -24.53 -15.55
C ASP C 54 1.77 -24.22 -15.51
N LEU C 55 1.35 -23.52 -14.46
CA LEU C 55 -0.08 -23.17 -14.33
C LEU C 55 -0.59 -22.35 -15.51
N ILE C 56 0.25 -21.47 -16.05
CA ILE C 56 -0.18 -20.64 -17.18
C ILE C 56 -0.28 -21.52 -18.43
N GLU C 57 0.80 -22.21 -18.78
CA GLU C 57 0.82 -23.11 -19.96
C GLU C 57 -0.50 -23.92 -20.02
N GLN C 58 -0.89 -24.49 -18.89
CA GLN C 58 -2.11 -25.27 -18.81
C GLN C 58 -3.35 -24.48 -19.16
N SER C 59 -3.50 -23.30 -18.58
CA SER C 59 -4.76 -22.57 -18.70
C SER C 59 -4.90 -21.85 -20.03
N VAL C 60 -3.79 -21.64 -20.74
CA VAL C 60 -3.82 -21.08 -22.11
C VAL C 60 -3.66 -22.08 -23.26
N LYS C 61 -3.89 -23.36 -22.97
CA LYS C 61 -3.88 -24.45 -23.95
C LYS C 61 -4.79 -24.18 -25.14
N HIS C 62 -6.02 -23.84 -24.83
CA HIS C 62 -7.02 -23.49 -25.83
C HIS C 62 -6.75 -22.20 -26.67
N LEU C 63 -5.57 -21.60 -26.56
CA LEU C 63 -5.23 -20.45 -27.45
C LEU C 63 -3.91 -20.69 -28.19
N PRO C 64 -3.99 -20.95 -29.51
CA PRO C 64 -2.75 -21.31 -30.20
C PRO C 64 -1.63 -20.27 -30.03
N ASN C 65 -1.92 -18.99 -30.26
CA ASN C 65 -0.87 -17.94 -30.33
C ASN C 65 -0.21 -17.47 -29.01
N VAL C 66 -0.32 -18.26 -27.94
CA VAL C 66 0.12 -17.79 -26.64
C VAL C 66 1.28 -18.57 -26.17
N LYS C 67 2.40 -17.89 -26.01
CA LYS C 67 3.56 -18.49 -25.45
C LYS C 67 3.72 -17.94 -24.05
N VAL C 68 4.28 -18.79 -23.20
CA VAL C 68 4.56 -18.48 -21.84
C VAL C 68 6.07 -18.36 -21.69
N HIS C 69 6.55 -17.20 -21.25
CA HIS C 69 7.98 -17.03 -21.04
C HIS C 69 8.32 -16.57 -19.62
N GLN C 70 9.62 -16.50 -19.37
CA GLN C 70 10.17 -15.92 -18.14
C GLN C 70 11.17 -14.88 -18.54
N PHE C 71 11.43 -13.92 -17.67
CA PHE C 71 12.55 -13.00 -17.86
C PHE C 71 13.00 -12.36 -16.56
N SER C 72 14.26 -11.99 -16.49
CA SER C 72 14.79 -11.47 -15.24
C SER C 72 14.83 -9.95 -15.21
N GLY C 73 15.62 -9.35 -16.11
CA GLY C 73 15.85 -7.91 -16.10
C GLY C 73 14.65 -6.97 -16.28
N LEU C 74 14.76 -6.04 -17.23
CA LEU C 74 13.72 -5.04 -17.49
C LEU C 74 12.75 -5.56 -18.55
N LEU C 75 11.46 -5.28 -18.34
CA LEU C 75 10.41 -5.64 -19.28
C LEU C 75 10.66 -5.05 -20.63
N VAL C 76 10.98 -3.76 -20.70
CA VAL C 76 11.21 -3.09 -21.98
C VAL C 76 12.35 -3.73 -22.77
N ASP C 77 13.42 -4.15 -22.08
CA ASP C 77 14.48 -5.01 -22.68
C ASP C 77 13.97 -6.38 -23.11
N TYR C 78 13.16 -7.06 -22.31
CA TYR C 78 12.48 -8.28 -22.84
C TYR C 78 11.74 -7.96 -24.14
N CYS C 79 10.87 -6.96 -24.15
CA CYS C 79 10.10 -6.59 -25.34
C CYS C 79 11.01 -6.41 -26.55
N GLU C 80 12.14 -5.77 -26.30
CA GLU C 80 13.06 -5.37 -27.31
C GLU C 80 13.83 -6.60 -27.84
N GLN C 81 14.36 -7.44 -26.94
CA GLN C 81 14.99 -8.71 -27.36
C GLN C 81 14.06 -9.61 -28.19
N VAL C 82 12.75 -9.49 -28.09
CA VAL C 82 11.89 -10.32 -28.93
C VAL C 82 11.13 -9.58 -29.99
N GLY C 83 11.27 -8.27 -30.04
CA GLY C 83 10.57 -7.49 -31.03
C GLY C 83 9.09 -7.32 -30.73
N ALA C 84 8.72 -7.07 -29.47
CA ALA C 84 7.35 -6.64 -29.19
C ALA C 84 7.35 -5.11 -29.06
N LYS C 85 6.35 -4.46 -29.65
CA LYS C 85 6.16 -3.00 -29.55
C LYS C 85 5.04 -2.68 -28.53
N THR C 86 4.50 -3.72 -27.88
CA THR C 86 3.25 -3.57 -27.15
C THR C 86 3.24 -4.38 -25.86
N ILE C 87 2.92 -3.69 -24.77
CA ILE C 87 2.69 -4.28 -23.45
C ILE C 87 1.21 -4.12 -23.16
N ILE C 88 0.58 -5.17 -22.65
CA ILE C 88 -0.85 -5.15 -22.37
C ILE C 88 -1.02 -5.46 -20.89
N ARG C 89 -1.85 -4.67 -20.22
CA ARG C 89 -2.07 -4.72 -18.80
C ARG C 89 -3.53 -4.49 -18.61
N GLY C 90 -4.04 -4.97 -17.49
CA GLY C 90 -5.43 -4.77 -17.09
C GLY C 90 -5.67 -3.70 -16.02
N LEU C 91 -6.85 -3.11 -16.03
CA LEU C 91 -7.19 -2.16 -14.98
C LEU C 91 -8.48 -2.58 -14.30
N ARG C 92 -8.42 -2.66 -12.96
CA ARG C 92 -9.59 -2.99 -12.10
C ARG C 92 -10.13 -1.81 -11.26
N ALA C 93 -9.26 -0.91 -10.84
CA ALA C 93 -9.60 0.01 -9.79
C ALA C 93 -8.64 1.19 -9.79
N VAL C 94 -8.96 2.23 -9.03
CA VAL C 94 -8.15 3.46 -8.98
C VAL C 94 -6.71 3.23 -8.47
N SER C 95 -6.55 2.20 -7.62
CA SER C 95 -5.21 1.85 -7.09
C SER C 95 -4.31 1.36 -8.23
N ASP C 96 -4.85 0.43 -9.05
CA ASP C 96 -4.22 -0.02 -10.30
C ASP C 96 -3.80 1.16 -11.18
N PHE C 97 -4.75 2.05 -11.49
CA PHE C 97 -4.53 3.17 -12.39
C PHE C 97 -3.33 4.02 -12.01
N GLU C 98 -3.22 4.44 -10.76
CA GLU C 98 -2.08 5.28 -10.36
C GLU C 98 -0.73 4.58 -10.43
N TYR C 99 -0.69 3.37 -9.86
CA TYR C 99 0.47 2.49 -9.94
C TYR C 99 0.93 2.29 -11.41
N GLU C 100 0.01 1.97 -12.31
CA GLU C 100 0.30 1.82 -13.71
C GLU C 100 0.70 3.14 -14.36
N LEU C 101 0.15 4.27 -13.95
CA LEU C 101 0.57 5.53 -14.56
C LEU C 101 2.05 5.71 -14.28
N ARG C 102 2.48 5.48 -13.06
CA ARG C 102 3.89 5.62 -12.72
C ARG C 102 4.79 4.64 -13.52
N LEU C 103 4.38 3.39 -13.60
CA LEU C 103 5.14 2.40 -14.34
C LEU C 103 5.25 2.74 -15.78
N THR C 104 4.16 3.17 -16.40
CA THR C 104 4.18 3.44 -17.80
C THR C 104 4.97 4.71 -18.05
N SER C 105 4.86 5.70 -17.19
CA SER C 105 5.68 6.90 -17.43
C SER C 105 7.15 6.49 -17.42
N MET C 106 7.57 5.65 -16.46
CA MET C 106 8.99 5.21 -16.45
C MET C 106 9.35 4.41 -17.69
N ASN C 107 8.55 3.40 -18.01
CA ASN C 107 8.77 2.60 -19.19
C ASN C 107 8.93 3.48 -20.42
N LYS C 108 8.21 4.60 -20.48
CA LYS C 108 8.34 5.50 -21.61
C LYS C 108 9.66 6.27 -21.67
N LYS C 109 10.25 6.62 -20.52
CA LYS C 109 11.61 7.16 -20.50
C LYS C 109 12.64 6.17 -21.01
N LEU C 110 12.57 4.97 -20.46
CA LEU C 110 13.46 3.84 -20.81
C LEU C 110 13.44 3.40 -22.28
N ASN C 111 12.27 3.22 -22.86
CA ASN C 111 12.13 2.91 -24.28
C ASN C 111 10.82 3.44 -24.86
N ASN C 112 10.89 4.60 -25.52
CA ASN C 112 9.68 5.19 -26.13
C ASN C 112 9.09 4.43 -27.31
N GLU C 113 9.76 3.40 -27.82
CA GLU C 113 9.16 2.62 -28.91
C GLU C 113 8.18 1.57 -28.40
N ILE C 114 8.07 1.34 -27.09
CA ILE C 114 7.08 0.39 -26.62
C ILE C 114 5.86 1.14 -26.10
N GLU C 115 4.70 0.82 -26.68
CA GLU C 115 3.44 1.32 -26.15
C GLU C 115 2.79 0.35 -25.12
N THR C 116 2.23 0.92 -24.05
CA THR C 116 1.48 0.15 -23.07
C THR C 116 0.00 0.38 -23.31
N LEU C 117 -0.73 -0.71 -23.50
CA LEU C 117 -2.16 -0.65 -23.70
C LEU C 117 -2.96 -1.20 -22.52
N TYR C 118 -3.97 -0.48 -22.11
CA TYR C 118 -4.75 -0.89 -20.98
C TYR C 118 -6.13 -1.35 -21.39
N MET C 119 -6.55 -2.49 -20.81
CA MET C 119 -7.96 -2.95 -20.91
C MET C 119 -8.60 -2.89 -19.54
N MET C 120 -9.88 -2.57 -19.53
CA MET C 120 -10.69 -2.60 -18.30
C MET C 120 -11.09 -4.04 -18.02
N SER C 121 -10.94 -4.43 -16.76
CA SER C 121 -11.49 -5.69 -16.24
C SER C 121 -12.99 -5.77 -16.49
N SER C 122 -13.44 -6.96 -16.89
CA SER C 122 -14.89 -7.25 -16.89
C SER C 122 -15.41 -7.03 -15.48
N THR C 123 -16.70 -6.76 -15.41
CA THR C 123 -17.41 -6.54 -14.16
C THR C 123 -17.24 -7.69 -13.16
N ASN C 124 -17.40 -8.91 -13.66
CA ASN C 124 -17.31 -10.16 -12.87
C ASN C 124 -15.96 -10.47 -12.22
N TYR C 125 -14.89 -9.88 -12.76
CA TYR C 125 -13.55 -10.12 -12.27
C TYR C 125 -12.86 -8.92 -11.64
N SER C 126 -13.57 -7.79 -11.56
CA SER C 126 -13.04 -6.52 -11.03
C SER C 126 -12.43 -6.64 -9.63
N PHE C 127 -13.06 -7.42 -8.76
CA PHE C 127 -12.56 -7.65 -7.38
C PHE C 127 -11.52 -8.76 -7.25
N ILE C 128 -11.24 -9.51 -8.30
CA ILE C 128 -10.38 -10.66 -8.11
C ILE C 128 -8.87 -10.33 -8.30
N SER C 129 -8.07 -10.72 -7.31
CA SER C 129 -6.62 -10.74 -7.43
C SER C 129 -6.08 -12.09 -6.92
N SER C 130 -4.85 -12.39 -7.32
CA SER C 130 -4.13 -13.53 -6.78
C SER C 130 -4.17 -13.55 -5.26
N SER C 131 -3.84 -12.42 -4.64
CA SER C 131 -3.87 -12.29 -3.18
C SER C 131 -5.16 -12.78 -2.56
N ILE C 132 -6.29 -12.12 -2.82
CA ILE C 132 -7.56 -12.56 -2.22
C ILE C 132 -7.99 -14.01 -2.55
N VAL C 133 -7.70 -14.44 -3.79
CA VAL C 133 -7.94 -15.83 -4.18
C VAL C 133 -7.11 -16.81 -3.31
N LYS C 134 -5.93 -16.38 -2.88
CA LYS C 134 -5.14 -17.17 -1.94
C LYS C 134 -5.61 -17.06 -0.52
N GLU C 135 -6.08 -15.89 -0.11
CA GLU C 135 -6.66 -15.76 1.23
C GLU C 135 -7.81 -16.78 1.39
N VAL C 136 -8.69 -16.83 0.39
CA VAL C 136 -9.90 -17.65 0.36
C VAL C 136 -9.66 -19.14 0.25
N ALA C 137 -8.65 -19.52 -0.53
CA ALA C 137 -8.29 -20.89 -0.68
C ALA C 137 -7.64 -21.40 0.59
N ALA C 138 -6.92 -20.51 1.28
CA ALA C 138 -6.26 -20.84 2.53
C ALA C 138 -7.25 -21.32 3.59
N TYR C 139 -8.44 -20.74 3.59
CA TYR C 139 -9.55 -21.20 4.41
C TYR C 139 -10.51 -22.16 3.70
N ARG C 140 -10.10 -22.70 2.57
CA ARG C 140 -10.80 -23.83 1.93
C ARG C 140 -12.16 -23.55 1.33
N ALA C 141 -12.46 -22.28 1.12
CA ALA C 141 -13.72 -21.97 0.51
C ALA C 141 -13.70 -22.29 -0.97
N ASP C 142 -14.85 -22.10 -1.62
CA ASP C 142 -14.98 -22.40 -3.04
C ASP C 142 -14.27 -21.33 -3.89
N ILE C 143 -13.28 -21.78 -4.69
CA ILE C 143 -12.51 -20.91 -5.61
C ILE C 143 -12.77 -21.28 -7.06
N SER C 144 -13.76 -22.14 -7.32
CA SER C 144 -14.02 -22.65 -8.67
C SER C 144 -14.32 -21.53 -9.63
N GLU C 145 -14.93 -20.48 -9.14
CA GLU C 145 -15.33 -19.34 -9.97
C GLU C 145 -14.18 -18.38 -10.30
N PHE C 146 -13.07 -18.46 -9.56
CA PHE C 146 -12.00 -17.46 -9.62
C PHE C 146 -10.83 -17.91 -10.49
N VAL C 147 -10.62 -19.22 -10.59
CA VAL C 147 -9.47 -19.79 -11.28
C VAL C 147 -9.91 -21.03 -12.02
N PRO C 148 -9.17 -21.40 -13.09
CA PRO C 148 -9.49 -22.59 -13.86
C PRO C 148 -9.19 -23.90 -13.12
N PRO C 149 -9.88 -24.98 -13.50
CA PRO C 149 -9.78 -26.20 -12.69
C PRO C 149 -8.38 -26.61 -12.27
N TYR C 150 -7.40 -26.45 -13.15
CA TYR C 150 -6.04 -26.89 -12.88
C TYR C 150 -5.31 -26.01 -11.87
N VAL C 151 -5.52 -24.70 -11.94
CA VAL C 151 -5.01 -23.82 -10.91
C VAL C 151 -5.72 -24.14 -9.59
N GLU C 152 -6.99 -24.48 -9.66
CA GLU C 152 -7.77 -24.82 -8.45
C GLU C 152 -7.19 -26.02 -7.70
N LYS C 153 -6.79 -27.06 -8.40
CA LYS C 153 -6.18 -28.20 -7.73
C LYS C 153 -4.86 -27.80 -7.07
N ALA C 154 -4.06 -26.99 -7.75
CA ALA C 154 -2.77 -26.64 -7.17
C ALA C 154 -2.92 -25.81 -5.87
N LEU C 155 -3.94 -24.95 -5.80
CA LEU C 155 -4.22 -24.17 -4.57
C LEU C 155 -4.78 -25.02 -3.46
N LYS C 156 -5.75 -25.88 -3.79
CA LYS C 156 -6.20 -26.85 -2.78
C LYS C 156 -5.03 -27.58 -2.16
N LYS C 157 -4.14 -28.07 -3.03
CA LYS C 157 -3.00 -28.85 -2.60
C LYS C 157 -1.98 -28.04 -1.81
N LYS C 158 -1.73 -26.80 -2.24
CA LYS C 158 -0.79 -25.91 -1.56
C LYS C 158 -1.18 -25.54 -0.11
N PHE C 159 -2.48 -25.45 0.14
CA PHE C 159 -2.98 -25.01 1.43
C PHE C 159 -3.74 -26.16 2.11
N LYS C 160 -3.50 -27.39 1.67
CA LYS C 160 -4.02 -28.58 2.39
C LYS C 160 -3.43 -28.66 3.81
#